data_8HJB
#
_entry.id   8HJB
#
_cell.length_a   44.043
_cell.length_b   44.043
_cell.length_c   228.663
_cell.angle_alpha   90.000
_cell.angle_beta   90.000
_cell.angle_gamma   90.000
#
_symmetry.space_group_name_H-M   'P 41'
#
loop_
_entity.id
_entity.type
_entity.pdbx_description
1 polymer 'TetR family transcriptional regulator'
2 non-polymer 'COENZYME A'
3 water water
#
_entity_poly.entity_id   1
_entity_poly.type   'polypeptide(L)'
_entity_poly.pdbx_seq_one_letter_code
;MQKEPRKVREFRRREQEILDTALKLFLEQGEDSVTVEMIADAVGIGKGTIYKHFKSKAEIYLRLMLDYERDLAALFHSED
VARDKEALSRAYFEFRMRDPQRYRLFDRLEEKVVKTSQVPEMVEELHKIRASNFERLTQLIKERIADGKLENVPPYFHYC
AAWALVHGAVALYHSPFWREVLEDQEGFFHFLMDIGVRMGNKRKREGDAPSA
;
_entity_poly.pdbx_strand_id   A,B
#
loop_
_chem_comp.id
_chem_comp.type
_chem_comp.name
_chem_comp.formula
COA non-polymer 'COENZYME A' 'C21 H36 N7 O16 P3 S'
#
# COMPACT_ATOMS: atom_id res chain seq x y z
N ARG A 9 5.85 26.71 -31.43
CA ARG A 9 6.52 25.48 -31.02
C ARG A 9 7.53 25.73 -29.92
N GLU A 10 8.31 26.81 -30.06
CA GLU A 10 9.33 27.13 -29.07
C GLU A 10 8.71 27.38 -27.70
N PHE A 11 7.54 28.01 -27.66
CA PHE A 11 6.82 28.15 -26.40
C PHE A 11 6.33 26.80 -25.91
N ARG A 12 5.77 25.99 -26.81
CA ARG A 12 5.39 24.62 -26.46
C ARG A 12 6.60 23.82 -26.02
N ARG A 13 7.77 24.11 -26.60
CA ARG A 13 8.99 23.41 -26.18
C ARG A 13 9.44 23.88 -24.81
N ARG A 14 9.38 25.19 -24.55
CA ARG A 14 9.83 25.71 -23.26
C ARG A 14 8.90 25.29 -22.13
N GLU A 15 7.59 25.19 -22.40
CA GLU A 15 6.66 24.72 -21.37
C GLU A 15 7.01 23.33 -20.90
N GLN A 16 7.43 22.46 -21.83
CA GLN A 16 7.83 21.11 -21.44
C GLN A 16 9.18 21.11 -20.73
N GLU A 17 10.12 21.93 -21.20
CA GLU A 17 11.43 22.01 -20.56
C GLU A 17 11.31 22.50 -19.13
N ILE A 18 10.39 23.42 -18.87
CA ILE A 18 10.12 23.87 -17.50
C ILE A 18 9.60 22.70 -16.67
N LEU A 19 8.62 21.98 -17.20
CA LEU A 19 7.98 20.91 -16.44
C LEU A 19 8.91 19.71 -16.25
N ASP A 20 9.75 19.42 -17.24
CA ASP A 20 10.69 18.32 -17.10
C ASP A 20 11.69 18.59 -15.98
N THR A 21 12.31 19.75 -15.99
CA THR A 21 13.21 20.12 -14.91
C THR A 21 12.45 20.28 -13.59
N ALA A 22 11.22 20.78 -13.66
CA ALA A 22 10.38 20.90 -12.47
C ALA A 22 10.20 19.55 -11.79
N LEU A 23 9.71 18.56 -12.53
CA LEU A 23 9.50 17.23 -11.95
C LEU A 23 10.81 16.62 -11.48
N LYS A 24 11.90 16.85 -12.21
CA LYS A 24 13.21 16.36 -11.77
C LYS A 24 13.58 16.93 -10.42
N LEU A 25 13.59 18.26 -10.29
CA LEU A 25 13.82 18.87 -8.99
C LEU A 25 12.78 18.44 -7.96
N PHE A 26 11.62 17.94 -8.40
CA PHE A 26 10.61 17.44 -7.47
C PHE A 26 10.84 16.00 -7.07
N LEU A 27 11.87 15.37 -7.59
CA LEU A 27 12.21 14.02 -7.13
C LEU A 27 13.51 14.00 -6.33
N GLU A 28 14.30 15.06 -6.43
CA GLU A 28 15.61 15.05 -5.76
C GLU A 28 15.50 15.50 -4.31
N GLN A 29 14.78 16.60 -4.02
CA GLN A 29 14.99 17.33 -2.77
C GLN A 29 13.73 17.73 -2.03
N GLY A 30 12.57 17.20 -2.41
CA GLY A 30 11.31 17.63 -1.82
C GLY A 30 10.58 18.63 -2.70
N GLU A 31 9.31 18.37 -3.01
CA GLU A 31 8.53 19.36 -3.74
C GLU A 31 8.18 20.57 -2.87
N ASP A 32 8.22 20.41 -1.55
CA ASP A 32 8.08 21.56 -0.65
C ASP A 32 9.30 22.46 -0.71
N SER A 33 10.45 21.92 -1.13
CA SER A 33 11.69 22.70 -1.14
C SER A 33 11.78 23.58 -2.38
N VAL A 34 11.54 23.00 -3.56
CA VAL A 34 11.79 23.71 -4.80
C VAL A 34 10.85 24.90 -4.94
N THR A 35 11.43 26.06 -5.27
CA THR A 35 10.68 27.27 -5.53
C THR A 35 10.58 27.51 -7.03
N VAL A 36 9.66 28.40 -7.41
CA VAL A 36 9.52 28.75 -8.83
C VAL A 36 10.81 29.38 -9.35
N GLU A 37 11.48 30.17 -8.51
CA GLU A 37 12.74 30.77 -8.92
C GLU A 37 13.81 29.70 -9.15
N MET A 38 13.81 28.66 -8.30
CA MET A 38 14.74 27.55 -8.51
C MET A 38 14.50 26.89 -9.87
N ILE A 39 13.24 26.66 -10.20
CA ILE A 39 12.89 26.07 -11.50
C ILE A 39 13.28 27.02 -12.62
N ALA A 40 13.02 28.31 -12.44
CA ALA A 40 13.40 29.29 -13.45
C ALA A 40 14.91 29.38 -13.57
N ASP A 41 15.63 29.26 -12.46
CA ASP A 41 17.09 29.29 -12.51
C ASP A 41 17.64 27.99 -13.07
N ALA A 42 16.97 26.86 -12.81
CA ALA A 42 17.46 25.57 -13.31
C ALA A 42 17.26 25.43 -14.81
N VAL A 43 16.09 25.86 -15.31
CA VAL A 43 15.82 25.74 -16.74
C VAL A 43 16.74 26.66 -17.54
N GLY A 44 17.17 27.76 -16.94
CA GLY A 44 17.95 28.75 -17.67
C GLY A 44 17.12 29.84 -18.29
N ILE A 45 15.91 30.07 -17.80
CA ILE A 45 15.03 31.10 -18.32
C ILE A 45 15.06 32.30 -17.36
N GLY A 46 14.33 33.36 -17.71
CA GLY A 46 14.24 34.49 -16.82
C GLY A 46 13.39 34.20 -15.60
N LYS A 47 13.59 35.00 -14.55
CA LYS A 47 12.82 34.85 -13.32
C LYS A 47 11.39 35.35 -13.48
N GLY A 48 11.09 36.05 -14.57
CA GLY A 48 9.74 36.51 -14.83
C GLY A 48 9.11 35.84 -16.05
N THR A 49 9.95 35.32 -16.95
CA THR A 49 9.41 34.64 -18.13
C THR A 49 8.71 33.34 -17.75
N ILE A 50 9.05 32.75 -16.61
CA ILE A 50 8.42 31.50 -16.18
C ILE A 50 6.94 31.73 -15.90
N TYR A 51 6.56 32.95 -15.52
CA TYR A 51 5.16 33.25 -15.23
C TYR A 51 4.34 33.45 -16.49
N LYS A 52 4.95 33.43 -17.68
CA LYS A 52 4.18 33.46 -18.92
C LYS A 52 3.48 32.13 -19.17
N HIS A 53 3.92 31.05 -18.51
CA HIS A 53 3.27 29.75 -18.63
C HIS A 53 2.37 29.51 -17.43
N PHE A 54 2.98 29.30 -16.26
CA PHE A 54 2.27 28.91 -15.05
C PHE A 54 2.19 30.08 -14.08
N LYS A 55 1.04 30.24 -13.45
CA LYS A 55 0.81 31.35 -12.55
C LYS A 55 1.31 31.10 -11.14
N SER A 56 1.52 29.84 -10.76
CA SER A 56 1.99 29.51 -9.41
C SER A 56 2.66 28.14 -9.47
N LYS A 57 3.18 27.71 -8.31
CA LYS A 57 3.80 26.39 -8.23
C LYS A 57 2.76 25.28 -8.15
N ALA A 58 1.60 25.56 -7.54
CA ALA A 58 0.51 24.58 -7.52
C ALA A 58 -0.01 24.31 -8.92
N GLU A 59 0.01 25.32 -9.80
CA GLU A 59 -0.40 25.10 -11.18
C GLU A 59 0.57 24.19 -11.92
N ILE A 60 1.86 24.22 -11.55
CA ILE A 60 2.81 23.26 -12.08
C ILE A 60 2.48 21.85 -11.57
N TYR A 61 2.13 21.74 -10.28
CA TYR A 61 1.73 20.46 -9.72
C TYR A 61 0.56 19.86 -10.50
N LEU A 62 -0.41 20.68 -10.85
CA LEU A 62 -1.64 20.18 -11.48
C LEU A 62 -1.37 19.71 -12.90
N ARG A 63 -0.65 20.51 -13.69
CA ARG A 63 -0.31 20.08 -15.04
C ARG A 63 0.62 18.87 -15.03
N LEU A 64 1.50 18.78 -14.02
CA LEU A 64 2.32 17.58 -13.86
C LEU A 64 1.46 16.32 -13.77
N MET A 65 0.28 16.43 -13.18
CA MET A 65 -0.62 15.29 -13.06
C MET A 65 -1.56 15.16 -14.26
N LEU A 66 -1.83 16.26 -14.96
CA LEU A 66 -2.71 16.18 -16.12
C LEU A 66 -2.05 15.46 -17.27
N ASP A 67 -0.76 15.71 -17.50
CA ASP A 67 -0.03 14.99 -18.55
C ASP A 67 0.07 13.51 -18.21
N TYR A 68 0.13 13.16 -16.93
CA TYR A 68 0.11 11.76 -16.52
C TYR A 68 -1.15 11.07 -17.04
N GLU A 69 -2.31 11.68 -16.81
CA GLU A 69 -3.56 11.11 -17.31
C GLU A 69 -3.65 11.24 -18.83
N ARG A 70 -3.14 12.34 -19.39
CA ARG A 70 -3.13 12.50 -20.84
C ARG A 70 -2.28 11.42 -21.51
N ASP A 71 -1.22 10.97 -20.83
CA ASP A 71 -0.40 9.89 -21.37
C ASP A 71 -1.08 8.53 -21.20
N LEU A 72 -1.72 8.31 -20.05
CA LEU A 72 -2.50 7.09 -19.86
C LEU A 72 -3.68 7.04 -20.81
N ALA A 73 -4.25 8.19 -21.16
CA ALA A 73 -5.31 8.22 -22.15
C ALA A 73 -4.79 7.88 -23.53
N ALA A 74 -3.54 8.28 -23.83
CA ALA A 74 -2.94 7.94 -25.11
C ALA A 74 -2.61 6.45 -25.18
N LEU A 75 -2.20 5.87 -24.05
CA LEU A 75 -1.93 4.43 -24.01
C LEU A 75 -3.18 3.62 -24.34
N PHE A 76 -4.35 4.12 -23.94
CA PHE A 76 -5.62 3.48 -24.23
C PHE A 76 -6.11 3.75 -25.66
N HIS A 77 -5.24 4.22 -26.54
CA HIS A 77 -5.62 4.53 -27.91
C HIS A 77 -4.54 4.09 -28.90
N ASP A 84 -4.06 -5.58 -29.31
CA ASP A 84 -4.05 -6.76 -28.46
C ASP A 84 -4.55 -6.41 -27.07
N LYS A 85 -5.48 -7.22 -26.56
CA LYS A 85 -6.02 -6.97 -25.22
C LYS A 85 -5.03 -7.37 -24.13
N GLU A 86 -4.18 -8.37 -24.40
CA GLU A 86 -3.20 -8.78 -23.40
C GLU A 86 -1.97 -7.87 -23.40
N ALA A 87 -1.51 -7.46 -24.57
CA ALA A 87 -0.33 -6.59 -24.65
C ALA A 87 -0.62 -5.22 -24.06
N LEU A 88 -1.82 -4.67 -24.30
CA LEU A 88 -2.17 -3.38 -23.76
C LEU A 88 -2.64 -3.47 -22.30
N SER A 89 -2.89 -4.68 -21.80
CA SER A 89 -3.10 -4.87 -20.37
C SER A 89 -1.77 -4.87 -19.61
N ARG A 90 -0.75 -5.52 -20.18
CA ARG A 90 0.58 -5.49 -19.59
C ARG A 90 1.15 -4.08 -19.59
N ALA A 91 0.98 -3.36 -20.70
CA ALA A 91 1.50 -1.99 -20.79
C ALA A 91 0.87 -1.08 -19.76
N TYR A 92 -0.35 -1.39 -19.32
CA TYR A 92 -0.99 -0.58 -18.28
C TYR A 92 -0.22 -0.67 -16.97
N PHE A 93 0.22 -1.87 -16.60
CA PHE A 93 0.98 -2.02 -15.36
C PHE A 93 2.37 -1.44 -15.48
N GLU A 94 2.95 -1.43 -16.68
CA GLU A 94 4.20 -0.70 -16.89
C GLU A 94 4.02 0.77 -16.57
N PHE A 95 2.91 1.35 -17.03
CA PHE A 95 2.66 2.78 -16.86
C PHE A 95 2.54 3.14 -15.38
N ARG A 96 1.95 2.24 -14.58
CA ARG A 96 1.71 2.55 -13.18
C ARG A 96 2.92 2.24 -12.31
N MET A 97 3.62 1.14 -12.60
CA MET A 97 4.67 0.66 -11.73
C MET A 97 6.06 1.21 -12.07
N ARG A 98 6.25 1.74 -13.26
CA ARG A 98 7.51 2.39 -13.58
C ARG A 98 7.62 3.73 -12.88
N ASP A 99 8.80 4.02 -12.33
CA ASP A 99 9.05 5.24 -11.57
C ASP A 99 8.06 5.37 -10.43
N PRO A 100 8.21 4.58 -9.36
CA PRO A 100 7.28 4.72 -8.21
C PRO A 100 7.46 6.02 -7.45
N GLN A 101 8.52 6.78 -7.71
CA GLN A 101 8.66 8.10 -7.08
C GLN A 101 7.69 9.11 -7.66
N ARG A 102 7.40 9.00 -8.96
CA ARG A 102 6.36 9.83 -9.56
C ARG A 102 5.00 9.55 -8.93
N TYR A 103 4.73 8.29 -8.61
CA TYR A 103 3.48 7.92 -7.96
C TYR A 103 3.41 8.51 -6.56
N ARG A 104 4.48 8.34 -5.77
CA ARG A 104 4.47 8.84 -4.41
C ARG A 104 4.47 10.36 -4.36
N LEU A 105 5.02 11.03 -5.37
CA LEU A 105 4.94 12.48 -5.42
C LEU A 105 3.51 12.93 -5.69
N PHE A 106 2.85 12.31 -6.67
CA PHE A 106 1.46 12.64 -6.96
C PHE A 106 0.54 12.24 -5.82
N ASP A 107 0.88 11.16 -5.10
CA ASP A 107 0.14 10.78 -3.91
C ASP A 107 0.16 11.90 -2.88
N ARG A 108 1.33 12.47 -2.63
CA ARG A 108 1.40 13.63 -1.73
C ARG A 108 0.73 14.85 -2.35
N LEU A 109 0.94 15.08 -3.65
CA LEU A 109 0.31 16.20 -4.33
C LEU A 109 -1.21 16.08 -4.37
N GLU A 110 -1.75 14.87 -4.19
CA GLU A 110 -3.20 14.68 -4.17
C GLU A 110 -3.86 15.37 -2.98
N GLU A 111 -3.13 15.58 -1.89
CA GLU A 111 -3.68 16.22 -0.70
C GLU A 111 -3.45 17.72 -0.66
N LYS A 112 -2.53 18.25 -1.47
CA LYS A 112 -2.16 19.65 -1.38
C LYS A 112 -2.93 20.53 -2.37
N VAL A 113 -3.10 20.07 -3.61
CA VAL A 113 -3.61 20.94 -4.68
C VAL A 113 -4.93 20.41 -5.25
N VAL A 114 -5.11 19.09 -5.24
CA VAL A 114 -6.31 18.48 -5.79
C VAL A 114 -7.44 18.45 -4.77
N LYS A 115 -7.14 17.96 -3.56
CA LYS A 115 -8.14 18.00 -2.48
C LYS A 115 -8.54 19.43 -2.16
N THR A 116 -7.57 20.34 -2.17
CA THR A 116 -7.83 21.76 -1.88
C THR A 116 -7.90 22.56 -3.18
N SER A 117 -8.83 22.12 -4.06
CA SER A 117 -9.00 22.59 -5.44
C SER A 117 -8.36 23.93 -5.77
N GLN A 118 -7.04 24.03 -5.60
CA GLN A 118 -6.31 25.22 -6.02
C GLN A 118 -6.25 25.25 -7.53
N VAL A 119 -6.69 26.36 -8.12
CA VAL A 119 -7.08 26.43 -9.52
C VAL A 119 -8.11 25.33 -9.74
N PRO A 120 -9.39 25.59 -9.43
CA PRO A 120 -10.42 24.56 -9.64
C PRO A 120 -10.64 24.21 -11.09
N GLU A 121 -10.21 25.09 -12.01
CA GLU A 121 -10.38 24.80 -13.44
C GLU A 121 -9.63 23.54 -13.84
N MET A 122 -8.42 23.35 -13.32
CA MET A 122 -7.66 22.15 -13.67
C MET A 122 -8.06 20.96 -12.81
N VAL A 123 -8.37 21.19 -11.53
CA VAL A 123 -8.91 20.11 -10.70
C VAL A 123 -10.21 19.61 -11.28
N GLU A 124 -10.99 20.49 -11.91
CA GLU A 124 -12.17 20.05 -12.66
C GLU A 124 -11.75 19.19 -13.84
N GLU A 125 -10.85 19.71 -14.68
CA GLU A 125 -10.39 18.95 -15.85
C GLU A 125 -9.72 17.65 -15.43
N LEU A 126 -8.92 17.69 -14.37
CA LEU A 126 -8.23 16.48 -13.92
C LEU A 126 -9.23 15.36 -13.62
N HIS A 127 -10.23 15.66 -12.79
CA HIS A 127 -11.22 14.66 -12.42
C HIS A 127 -11.90 14.05 -13.64
N LYS A 128 -12.06 14.83 -14.72
CA LYS A 128 -12.68 14.30 -15.92
C LYS A 128 -11.79 13.27 -16.61
N ILE A 129 -10.53 13.63 -16.86
CA ILE A 129 -9.62 12.71 -17.52
C ILE A 129 -9.28 11.51 -16.63
N ARG A 130 -9.38 11.67 -15.30
CA ARG A 130 -9.28 10.50 -14.43
C ARG A 130 -10.51 9.61 -14.60
N ALA A 131 -11.70 10.21 -14.74
CA ALA A 131 -12.90 9.42 -14.97
C ALA A 131 -12.90 8.80 -16.36
N SER A 132 -12.45 9.56 -17.37
CA SER A 132 -12.31 8.99 -18.70
C SER A 132 -11.29 7.86 -18.71
N ASN A 133 -10.15 8.06 -18.04
CA ASN A 133 -9.19 6.97 -17.90
C ASN A 133 -9.77 5.84 -17.05
N PHE A 134 -10.54 6.19 -16.02
CA PHE A 134 -11.22 5.15 -15.24
C PHE A 134 -12.21 4.39 -16.11
N GLU A 135 -12.94 5.08 -16.98
CA GLU A 135 -13.90 4.38 -17.83
C GLU A 135 -13.23 3.58 -18.93
N ARG A 136 -12.01 3.94 -19.33
CA ARG A 136 -11.30 3.16 -20.34
C ARG A 136 -10.70 1.86 -19.79
N LEU A 137 -10.73 1.67 -18.47
CA LEU A 137 -10.13 0.49 -17.85
C LEU A 137 -11.11 -0.67 -17.77
N THR A 138 -12.29 -0.43 -17.20
CA THR A 138 -13.33 -1.46 -17.15
C THR A 138 -13.62 -2.03 -18.53
N GLN A 139 -13.58 -1.20 -19.58
CA GLN A 139 -13.76 -1.70 -20.94
C GLN A 139 -12.79 -2.84 -21.23
N LEU A 140 -11.49 -2.63 -20.96
CA LEU A 140 -10.53 -3.72 -21.05
C LEU A 140 -10.92 -4.88 -20.14
N ILE A 141 -11.39 -4.57 -18.92
CA ILE A 141 -11.76 -5.62 -17.98
C ILE A 141 -12.93 -6.43 -18.51
N LYS A 142 -14.00 -5.75 -18.94
CA LYS A 142 -15.16 -6.46 -19.48
C LYS A 142 -14.80 -7.22 -20.75
N GLU A 143 -13.82 -6.74 -21.52
CA GLU A 143 -13.41 -7.47 -22.72
C GLU A 143 -12.62 -8.72 -22.36
N ARG A 144 -11.61 -8.58 -21.49
CA ARG A 144 -10.88 -9.75 -21.01
C ARG A 144 -11.78 -10.71 -20.24
N ILE A 145 -12.91 -10.22 -19.72
CA ILE A 145 -13.90 -11.10 -19.12
C ILE A 145 -14.78 -11.72 -20.20
N ALA A 146 -15.16 -10.94 -21.20
CA ALA A 146 -15.96 -11.46 -22.30
C ALA A 146 -15.21 -12.48 -23.14
N ASP A 147 -13.88 -12.44 -23.12
CA ASP A 147 -13.06 -13.41 -23.84
C ASP A 147 -12.72 -14.64 -23.00
N GLY A 148 -13.30 -14.76 -21.81
CA GLY A 148 -13.07 -15.92 -20.97
C GLY A 148 -11.71 -16.01 -20.35
N LYS A 149 -10.90 -14.95 -20.43
CA LYS A 149 -9.57 -14.96 -19.85
C LYS A 149 -9.60 -14.52 -18.39
N LEU A 150 -10.07 -13.30 -18.13
CA LEU A 150 -10.26 -12.88 -16.75
C LEU A 150 -11.41 -13.66 -16.14
N GLU A 151 -11.18 -14.23 -14.96
CA GLU A 151 -12.23 -14.91 -14.22
C GLU A 151 -13.45 -14.00 -14.09
N ASN A 152 -14.55 -14.42 -14.70
CA ASN A 152 -15.74 -13.58 -14.78
C ASN A 152 -16.24 -13.20 -13.40
N VAL A 153 -15.95 -11.97 -12.98
CA VAL A 153 -16.44 -11.42 -11.72
C VAL A 153 -16.90 -10.00 -12.03
N PRO A 154 -17.58 -9.32 -11.10
CA PRO A 154 -17.80 -7.88 -11.27
C PRO A 154 -16.51 -7.18 -11.59
N PRO A 155 -16.44 -6.41 -12.69
CA PRO A 155 -15.17 -5.76 -13.06
C PRO A 155 -14.65 -4.82 -11.98
N TYR A 156 -15.50 -4.40 -11.04
CA TYR A 156 -15.04 -3.65 -9.88
C TYR A 156 -14.17 -4.51 -8.96
N PHE A 157 -14.30 -5.83 -9.04
CA PHE A 157 -13.38 -6.72 -8.35
C PHE A 157 -11.97 -6.57 -8.90
N HIS A 158 -11.86 -6.45 -10.23
CA HIS A 158 -10.55 -6.52 -10.89
C HIS A 158 -9.75 -5.25 -10.67
N TYR A 159 -10.29 -4.10 -11.10
CA TYR A 159 -9.50 -2.87 -11.05
C TYR A 159 -9.17 -2.44 -9.63
N CYS A 160 -9.88 -2.97 -8.63
CA CYS A 160 -9.46 -2.75 -7.25
C CYS A 160 -8.23 -3.58 -6.91
N ALA A 161 -8.21 -4.85 -7.34
CA ALA A 161 -7.03 -5.68 -7.14
C ALA A 161 -5.84 -5.18 -7.94
N ALA A 162 -6.08 -4.63 -9.13
CA ALA A 162 -5.01 -4.03 -9.89
C ALA A 162 -4.45 -2.80 -9.19
N TRP A 163 -5.33 -1.96 -8.65
CA TRP A 163 -4.87 -0.79 -7.89
C TRP A 163 -4.21 -1.22 -6.60
N ALA A 164 -4.74 -2.25 -5.93
CA ALA A 164 -4.19 -2.72 -4.68
C ALA A 164 -2.84 -3.41 -4.83
N LEU A 165 -2.35 -3.60 -6.06
CA LEU A 165 -1.03 -4.16 -6.29
C LEU A 165 -0.01 -3.13 -6.73
N VAL A 166 -0.40 -2.17 -7.57
CA VAL A 166 0.51 -1.08 -7.91
C VAL A 166 0.71 -0.17 -6.71
N HIS A 167 -0.32 0.01 -5.88
CA HIS A 167 -0.17 0.82 -4.67
C HIS A 167 0.76 0.15 -3.67
N GLY A 168 0.67 -1.18 -3.54
CA GLY A 168 1.55 -1.89 -2.65
C GLY A 168 2.96 -2.05 -3.19
N ALA A 169 3.10 -2.06 -4.53
CA ALA A 169 4.42 -2.12 -5.15
C ALA A 169 5.18 -0.82 -4.99
N VAL A 170 4.51 0.33 -5.08
CA VAL A 170 5.18 1.60 -4.83
C VAL A 170 5.67 1.67 -3.40
N ALA A 171 4.83 1.25 -2.45
CA ALA A 171 5.26 1.18 -1.06
C ALA A 171 6.36 0.13 -0.87
N LEU A 172 6.33 -0.94 -1.66
CA LEU A 172 7.41 -1.92 -1.60
C LEU A 172 8.72 -1.32 -2.09
N TYR A 173 8.69 -0.64 -3.24
CA TYR A 173 9.89 -0.02 -3.78
C TYR A 173 10.40 1.11 -2.92
N HIS A 174 9.57 1.65 -2.02
CA HIS A 174 9.97 2.72 -1.13
C HIS A 174 10.40 2.24 0.25
N SER A 175 10.16 0.97 0.57
CA SER A 175 10.68 0.39 1.80
C SER A 175 12.21 0.31 1.72
N PRO A 176 12.89 0.17 2.86
CA PRO A 176 14.33 -0.12 2.82
C PRO A 176 14.63 -1.41 2.06
N PHE A 177 14.27 -1.43 0.77
CA PHE A 177 14.37 -2.63 -0.04
C PHE A 177 14.74 -2.31 -1.49
N TRP A 178 15.25 -1.09 -1.76
CA TRP A 178 15.55 -0.69 -3.12
C TRP A 178 16.62 -1.60 -3.74
N ARG A 179 17.72 -1.80 -3.04
CA ARG A 179 18.81 -2.64 -3.54
C ARG A 179 18.79 -4.02 -2.89
N GLN A 185 16.94 -6.07 -10.44
CA GLN A 185 15.77 -5.24 -10.14
C GLN A 185 14.84 -5.17 -11.35
N GLU A 186 15.33 -5.61 -12.50
CA GLU A 186 14.54 -5.60 -13.73
C GLU A 186 13.68 -6.85 -13.86
N GLY A 187 14.29 -8.04 -13.66
CA GLY A 187 13.51 -9.26 -13.71
C GLY A 187 12.43 -9.32 -12.63
N PHE A 188 12.70 -8.71 -11.48
CA PHE A 188 11.66 -8.57 -10.46
C PHE A 188 10.52 -7.69 -10.97
N PHE A 189 10.85 -6.60 -11.68
CA PHE A 189 9.82 -5.74 -12.24
C PHE A 189 8.97 -6.50 -13.26
N HIS A 190 9.61 -7.33 -14.09
CA HIS A 190 8.85 -8.14 -15.04
C HIS A 190 8.09 -9.25 -14.35
N PHE A 191 8.58 -9.72 -13.19
CA PHE A 191 7.82 -10.69 -12.41
C PHE A 191 6.57 -10.05 -11.83
N LEU A 192 6.66 -8.79 -11.40
CA LEU A 192 5.48 -8.07 -10.92
C LEU A 192 4.47 -7.85 -12.03
N MET A 193 4.95 -7.57 -13.24
CA MET A 193 4.06 -7.38 -14.38
C MET A 193 3.37 -8.68 -14.77
N ASP A 194 4.10 -9.79 -14.78
CA ASP A 194 3.47 -11.07 -15.07
C ASP A 194 2.44 -11.44 -14.01
N ILE A 195 2.60 -10.93 -12.78
CA ILE A 195 1.59 -11.13 -11.76
C ILE A 195 0.31 -10.40 -12.12
N GLY A 196 0.42 -9.13 -12.50
CA GLY A 196 -0.76 -8.35 -12.81
C GLY A 196 -1.52 -8.86 -14.02
N VAL A 197 -0.78 -9.31 -15.04
CA VAL A 197 -1.43 -9.86 -16.23
C VAL A 197 -2.15 -11.16 -15.87
N ARG A 198 -1.46 -12.07 -15.17
CA ARG A 198 -2.08 -13.31 -14.73
C ARG A 198 -2.97 -13.13 -13.51
N MET A 199 -3.08 -11.90 -12.99
CA MET A 199 -3.91 -11.66 -11.83
C MET A 199 -5.38 -11.83 -12.19
N GLY A 200 -6.11 -12.60 -11.38
CA GLY A 200 -7.54 -12.77 -11.56
C GLY A 200 -7.88 -13.51 -12.84
N ASN A 201 -6.89 -14.12 -13.47
CA ASN A 201 -7.11 -14.88 -14.68
C ASN A 201 -7.95 -16.12 -14.37
N LYS A 202 -8.73 -16.55 -15.36
CA LYS A 202 -9.62 -17.69 -15.19
C LYS A 202 -8.83 -18.98 -14.97
N LYS B 7 -4.48 -19.45 40.30
CA LYS B 7 -4.32 -18.00 40.42
C LYS B 7 -3.66 -17.42 39.18
N VAL B 8 -2.88 -18.24 38.48
CA VAL B 8 -2.24 -17.77 37.26
C VAL B 8 -3.23 -17.75 36.10
N ARG B 9 -4.27 -18.59 36.15
CA ARG B 9 -5.25 -18.61 35.07
C ARG B 9 -6.13 -17.37 35.09
N GLU B 10 -6.63 -16.99 36.27
CA GLU B 10 -7.39 -15.76 36.38
C GLU B 10 -6.53 -14.54 36.08
N PHE B 11 -5.22 -14.63 36.35
CA PHE B 11 -4.32 -13.55 35.97
C PHE B 11 -4.08 -13.54 34.47
N ARG B 12 -3.93 -14.72 33.87
CA ARG B 12 -3.78 -14.81 32.42
C ARG B 12 -5.07 -14.45 31.70
N ARG B 13 -6.22 -14.59 32.36
CA ARG B 13 -7.49 -14.23 31.73
C ARG B 13 -7.75 -12.73 31.84
N ARG B 14 -7.46 -12.12 33.00
CA ARG B 14 -7.61 -10.68 33.14
C ARG B 14 -6.66 -9.93 32.21
N GLU B 15 -5.44 -10.47 32.04
CA GLU B 15 -4.52 -9.88 31.07
C GLU B 15 -5.09 -9.97 29.66
N GLN B 16 -5.68 -11.11 29.31
CA GLN B 16 -6.33 -11.24 28.01
C GLN B 16 -7.51 -10.29 27.88
N GLU B 17 -8.24 -10.08 28.97
CA GLU B 17 -9.36 -9.14 28.95
C GLU B 17 -8.85 -7.71 28.76
N ILE B 18 -7.77 -7.34 29.46
CA ILE B 18 -7.16 -6.04 29.26
C ILE B 18 -6.68 -5.90 27.82
N LEU B 19 -6.11 -6.98 27.28
CA LEU B 19 -5.61 -6.95 25.90
C LEU B 19 -6.73 -6.68 24.90
N ASP B 20 -7.82 -7.46 24.99
CA ASP B 20 -8.94 -7.26 24.08
C ASP B 20 -9.56 -5.88 24.26
N THR B 21 -9.63 -5.41 25.52
CA THR B 21 -10.20 -4.09 25.77
C THR B 21 -9.27 -2.99 25.28
N ALA B 22 -7.97 -3.15 25.47
CA ALA B 22 -7.02 -2.16 24.97
C ALA B 22 -7.05 -2.11 23.45
N LEU B 23 -7.21 -3.26 22.80
CA LEU B 23 -7.24 -3.29 21.34
C LEU B 23 -8.55 -2.72 20.80
N LYS B 24 -9.66 -3.03 21.46
CA LYS B 24 -10.95 -2.55 20.97
C LYS B 24 -11.07 -1.04 21.08
N LEU B 25 -10.37 -0.43 22.03
CA LEU B 25 -10.46 1.01 22.23
C LEU B 25 -9.49 1.78 21.35
N PHE B 26 -8.36 1.17 20.97
CA PHE B 26 -7.45 1.80 20.03
C PHE B 26 -8.08 1.90 18.64
N LEU B 27 -8.99 0.98 18.32
CA LEU B 27 -9.62 0.98 17.00
C LEU B 27 -10.81 1.93 16.96
N GLU B 28 -11.63 1.94 18.00
CA GLU B 28 -12.81 2.80 18.01
C GLU B 28 -12.44 4.27 18.17
N GLN B 29 -11.39 4.55 18.96
CA GLN B 29 -11.07 5.91 19.36
C GLN B 29 -9.72 6.41 18.89
N GLY B 30 -8.81 5.52 18.47
CA GLY B 30 -7.47 5.94 18.13
C GLY B 30 -6.52 5.76 19.28
N GLU B 31 -5.29 5.32 19.01
CA GLU B 31 -4.34 5.01 20.07
C GLU B 31 -3.83 6.27 20.77
N ASP B 32 -3.91 7.43 20.11
CA ASP B 32 -3.36 8.67 20.67
C ASP B 32 -4.23 9.29 21.75
N SER B 33 -5.41 8.73 22.02
CA SER B 33 -6.32 9.30 23.00
C SER B 33 -6.72 8.32 24.09
N VAL B 34 -6.44 7.03 23.95
CA VAL B 34 -6.80 6.03 24.95
C VAL B 34 -5.66 5.93 25.95
N THR B 35 -5.97 6.10 27.23
CA THR B 35 -4.96 6.03 28.27
C THR B 35 -5.08 4.71 29.03
N VAL B 36 -4.17 4.51 29.98
CA VAL B 36 -4.21 3.32 30.82
C VAL B 36 -5.45 3.33 31.71
N GLU B 37 -5.84 4.52 32.18
CA GLU B 37 -7.00 4.62 33.06
C GLU B 37 -8.29 4.25 32.33
N MET B 38 -8.42 4.67 31.07
CA MET B 38 -9.61 4.33 30.29
C MET B 38 -9.66 2.84 30.00
N ILE B 39 -8.51 2.23 29.71
CA ILE B 39 -8.47 0.78 29.50
C ILE B 39 -8.85 0.06 30.77
N ALA B 40 -8.26 0.46 31.90
CA ALA B 40 -8.55 -0.18 33.18
C ALA B 40 -9.98 0.03 33.65
N ASP B 41 -10.71 0.97 33.08
CA ASP B 41 -12.09 1.23 33.49
C ASP B 41 -13.12 0.53 32.61
N ALA B 42 -12.86 0.43 31.31
CA ALA B 42 -13.72 -0.37 30.45
C ALA B 42 -13.66 -1.85 30.81
N VAL B 43 -12.59 -2.29 31.48
CA VAL B 43 -12.57 -3.64 32.06
C VAL B 43 -13.27 -3.64 33.40
N GLY B 44 -13.08 -2.61 34.21
CA GLY B 44 -13.64 -2.56 35.54
C GLY B 44 -12.68 -2.95 36.65
N ILE B 45 -11.38 -2.77 36.46
CA ILE B 45 -10.41 -3.04 37.50
C ILE B 45 -9.82 -1.71 37.98
N GLY B 46 -9.04 -1.79 39.06
CA GLY B 46 -8.48 -0.59 39.66
C GLY B 46 -7.46 0.09 38.78
N LYS B 47 -7.00 1.25 39.24
CA LYS B 47 -6.04 2.01 38.47
C LYS B 47 -4.65 1.36 38.52
N GLY B 48 -4.31 0.70 39.63
CA GLY B 48 -3.00 0.09 39.77
C GLY B 48 -2.97 -1.40 39.51
N THR B 49 -4.14 -2.03 39.39
CA THR B 49 -4.17 -3.46 39.08
C THR B 49 -3.82 -3.71 37.63
N ILE B 50 -4.20 -2.81 36.73
CA ILE B 50 -3.76 -2.90 35.34
C ILE B 50 -2.25 -2.70 35.21
N TYR B 51 -1.64 -2.02 36.20
CA TYR B 51 -0.19 -1.91 36.22
C TYR B 51 0.50 -3.15 36.76
N LYS B 52 -0.26 -4.06 37.38
CA LYS B 52 0.30 -5.36 37.75
C LYS B 52 0.50 -6.24 36.53
N HIS B 53 -0.13 -5.93 35.40
CA HIS B 53 0.05 -6.64 34.14
C HIS B 53 1.06 -5.95 33.23
N PHE B 54 0.93 -4.63 33.06
CA PHE B 54 1.82 -3.86 32.20
C PHE B 54 2.16 -2.55 32.88
N LYS B 55 3.45 -2.19 32.85
CA LYS B 55 3.93 -0.97 33.48
C LYS B 55 3.94 0.22 32.54
N SER B 56 3.29 0.12 31.39
CA SER B 56 3.22 1.20 30.42
C SER B 56 2.22 0.85 29.34
N LYS B 57 1.56 1.88 28.80
CA LYS B 57 0.73 1.67 27.62
C LYS B 57 1.59 1.23 26.43
N ALA B 58 2.84 1.68 26.39
CA ALA B 58 3.77 1.19 25.37
C ALA B 58 3.99 -0.30 25.51
N GLU B 59 4.11 -0.80 26.74
CA GLU B 59 4.20 -2.23 26.94
C GLU B 59 2.97 -2.94 26.38
N ILE B 60 1.80 -2.32 26.51
CA ILE B 60 0.59 -2.87 25.89
C ILE B 60 0.70 -2.79 24.37
N TYR B 61 1.29 -1.71 23.85
CA TYR B 61 1.55 -1.58 22.41
C TYR B 61 2.33 -2.78 21.89
N LEU B 62 3.59 -2.93 22.35
CA LEU B 62 4.42 -4.03 21.87
C LEU B 62 3.80 -5.39 22.15
N ARG B 63 3.04 -5.51 23.24
CA ARG B 63 2.37 -6.77 23.54
C ARG B 63 1.34 -7.11 22.46
N LEU B 64 0.65 -6.10 21.92
CA LEU B 64 -0.30 -6.35 20.86
C LEU B 64 0.39 -6.86 19.59
N MET B 65 1.50 -6.23 19.21
CA MET B 65 2.24 -6.71 18.04
C MET B 65 2.94 -8.04 18.31
N LEU B 66 3.30 -8.29 19.58
CA LEU B 66 3.95 -9.56 19.90
C LEU B 66 2.98 -10.73 19.77
N ASP B 67 1.75 -10.56 20.23
CA ASP B 67 0.74 -11.59 20.08
C ASP B 67 0.31 -11.77 18.64
N TYR B 68 0.46 -10.73 17.81
CA TYR B 68 0.23 -10.87 16.38
C TYR B 68 1.22 -11.86 15.77
N GLU B 69 2.51 -11.71 16.12
CA GLU B 69 3.52 -12.63 15.62
C GLU B 69 3.43 -13.99 16.30
N ARG B 70 2.97 -14.02 17.55
CA ARG B 70 2.70 -15.30 18.20
C ARG B 70 1.58 -16.05 17.49
N ASP B 71 0.53 -15.33 17.07
CA ASP B 71 -0.53 -15.94 16.29
C ASP B 71 0.01 -16.49 14.97
N LEU B 72 0.88 -15.74 14.31
CA LEU B 72 1.47 -16.21 13.07
C LEU B 72 2.41 -17.39 13.30
N ALA B 73 3.09 -17.42 14.45
CA ALA B 73 3.95 -18.56 14.76
C ALA B 73 3.14 -19.83 14.92
N ALA B 74 1.96 -19.74 15.54
CA ALA B 74 1.09 -20.89 15.65
C ALA B 74 0.41 -21.24 14.33
N LEU B 75 0.44 -20.35 13.34
CA LEU B 75 -0.16 -20.65 12.05
C LEU B 75 0.74 -21.55 11.21
N PHE B 76 2.06 -21.32 11.26
CA PHE B 76 3.00 -22.13 10.50
C PHE B 76 3.27 -23.46 11.21
N HIS B 77 2.33 -23.92 12.03
CA HIS B 77 2.46 -25.18 12.74
C HIS B 77 1.40 -26.18 12.29
N ASP B 84 -1.82 -28.70 4.08
CA ASP B 84 -0.77 -28.80 3.06
C ASP B 84 -0.27 -27.41 2.67
N LYS B 85 0.67 -27.37 1.72
CA LYS B 85 1.32 -26.10 1.38
C LYS B 85 0.36 -25.16 0.66
N GLU B 86 -0.53 -25.71 -0.17
CA GLU B 86 -1.54 -24.87 -0.81
C GLU B 86 -2.54 -24.35 0.20
N ALA B 87 -2.97 -25.19 1.13
CA ALA B 87 -3.85 -24.74 2.21
C ALA B 87 -3.13 -23.86 3.20
N LEU B 88 -1.80 -23.96 3.29
CA LEU B 88 -1.03 -23.08 4.16
C LEU B 88 -0.82 -21.71 3.54
N SER B 89 -0.66 -21.66 2.21
CA SER B 89 -0.50 -20.37 1.54
C SER B 89 -1.78 -19.54 1.62
N ARG B 90 -2.95 -20.19 1.56
CA ARG B 90 -4.21 -19.46 1.71
C ARG B 90 -4.33 -18.88 3.10
N ALA B 91 -4.31 -19.75 4.12
CA ALA B 91 -4.45 -19.31 5.51
C ALA B 91 -3.48 -18.20 5.87
N TYR B 92 -2.36 -18.07 5.16
CA TYR B 92 -1.48 -16.93 5.34
C TYR B 92 -2.20 -15.64 4.91
N PHE B 93 -2.61 -15.56 3.65
CA PHE B 93 -3.25 -14.35 3.14
C PHE B 93 -4.56 -14.05 3.90
N GLU B 94 -5.24 -15.08 4.39
CA GLU B 94 -6.35 -14.85 5.31
C GLU B 94 -5.87 -14.11 6.56
N PHE B 95 -4.78 -14.61 7.16
CA PHE B 95 -4.24 -13.97 8.36
C PHE B 95 -3.76 -12.55 8.09
N ARG B 96 -3.22 -12.30 6.90
CA ARG B 96 -2.65 -10.98 6.61
C ARG B 96 -3.74 -9.95 6.33
N MET B 97 -4.75 -10.30 5.54
CA MET B 97 -5.79 -9.36 5.15
C MET B 97 -6.94 -9.30 6.14
N ARG B 98 -7.06 -10.28 7.04
CA ARG B 98 -8.09 -10.22 8.08
C ARG B 98 -7.80 -9.06 9.03
N ASP B 99 -8.82 -8.24 9.28
CA ASP B 99 -8.69 -7.05 10.10
C ASP B 99 -7.59 -6.14 9.56
N PRO B 100 -7.84 -5.46 8.43
CA PRO B 100 -6.78 -4.58 7.89
C PRO B 100 -6.48 -3.38 8.78
N GLN B 101 -7.41 -2.97 9.63
CA GLN B 101 -7.15 -1.85 10.54
C GLN B 101 -6.12 -2.20 11.60
N ARG B 102 -6.11 -3.45 12.06
CA ARG B 102 -5.06 -3.88 12.98
C ARG B 102 -3.68 -3.75 12.33
N TYR B 103 -3.56 -4.21 11.08
CA TYR B 103 -2.35 -3.94 10.31
C TYR B 103 -2.14 -2.43 10.16
N ARG B 104 -3.20 -1.69 9.86
CA ARG B 104 -3.10 -0.24 9.75
C ARG B 104 -2.69 0.37 11.09
N LEU B 105 -3.24 -0.13 12.19
CA LEU B 105 -2.82 0.33 13.51
C LEU B 105 -1.39 -0.08 13.79
N PHE B 106 -1.04 -1.32 13.46
CA PHE B 106 0.33 -1.78 13.67
C PHE B 106 1.31 -1.07 12.75
N ASP B 107 0.84 -0.58 11.60
CA ASP B 107 1.68 0.25 10.75
C ASP B 107 2.05 1.55 11.43
N ARG B 108 1.18 2.04 12.32
CA ARG B 108 1.47 3.27 13.05
C ARG B 108 2.35 2.99 14.26
N LEU B 109 2.00 1.96 15.05
CA LEU B 109 2.78 1.61 16.23
C LEU B 109 4.18 1.15 15.88
N GLU B 110 4.39 0.65 14.66
CA GLU B 110 5.74 0.35 14.21
C GLU B 110 6.65 1.58 14.27
N GLU B 111 6.06 2.76 14.10
CA GLU B 111 6.81 4.01 14.18
C GLU B 111 6.86 4.59 15.58
N LYS B 112 5.89 4.25 16.42
CA LYS B 112 5.80 4.88 17.74
C LYS B 112 6.67 4.16 18.78
N VAL B 113 6.58 2.83 18.83
CA VAL B 113 7.19 2.09 19.93
C VAL B 113 8.09 0.97 19.43
N VAL B 114 8.13 0.76 18.12
CA VAL B 114 9.05 -0.19 17.51
C VAL B 114 10.27 0.51 16.93
N LYS B 115 10.05 1.60 16.18
CA LYS B 115 11.16 2.44 15.77
C LYS B 115 11.88 3.00 16.99
N THR B 116 11.13 3.63 17.90
CA THR B 116 11.66 4.08 19.17
C THR B 116 11.55 2.91 20.15
N SER B 117 12.71 2.34 20.52
CA SER B 117 12.72 1.11 21.31
C SER B 117 12.23 1.33 22.73
N GLN B 118 10.99 1.78 22.88
CA GLN B 118 10.36 1.81 24.19
C GLN B 118 10.17 0.38 24.68
N VAL B 119 10.67 0.08 25.87
CA VAL B 119 10.74 -1.28 26.40
C VAL B 119 11.52 -2.14 25.41
N PRO B 120 12.86 -2.02 25.35
CA PRO B 120 13.62 -2.77 24.34
C PRO B 120 13.69 -4.25 24.60
N GLU B 121 13.28 -4.72 25.78
CA GLU B 121 13.27 -6.16 26.05
C GLU B 121 12.22 -6.87 25.19
N MET B 122 11.14 -6.17 24.85
CA MET B 122 10.11 -6.73 23.98
C MET B 122 10.39 -6.47 22.50
N VAL B 123 10.98 -5.33 22.17
CA VAL B 123 11.30 -5.02 20.78
C VAL B 123 12.33 -6.01 20.25
N GLU B 124 13.28 -6.42 21.09
CA GLU B 124 14.26 -7.42 20.70
C GLU B 124 13.60 -8.74 20.34
N GLU B 125 12.75 -9.25 21.22
CA GLU B 125 12.03 -10.49 20.95
C GLU B 125 11.13 -10.34 19.72
N LEU B 126 10.45 -9.21 19.60
CA LEU B 126 9.57 -8.99 18.46
C LEU B 126 10.33 -9.04 17.15
N HIS B 127 11.57 -8.56 17.13
CA HIS B 127 12.37 -8.63 15.91
C HIS B 127 12.85 -10.04 15.63
N LYS B 128 12.99 -10.87 16.67
CA LYS B 128 13.48 -12.24 16.47
C LYS B 128 12.39 -13.15 15.95
N ILE B 129 11.15 -12.97 16.40
CA ILE B 129 10.05 -13.77 15.86
C ILE B 129 9.72 -13.32 14.44
N ARG B 130 9.75 -12.01 14.20
CA ARG B 130 9.58 -11.51 12.83
C ARG B 130 10.66 -12.07 11.90
N ALA B 131 11.84 -12.38 12.45
CA ALA B 131 12.85 -13.10 11.67
C ALA B 131 12.56 -14.59 11.62
N SER B 132 11.99 -15.14 12.70
CA SER B 132 11.62 -16.55 12.70
C SER B 132 10.37 -16.79 11.85
N ASN B 133 9.41 -15.86 11.91
CA ASN B 133 8.24 -15.96 11.04
C ASN B 133 8.64 -15.76 9.58
N PHE B 134 9.62 -14.88 9.33
CA PHE B 134 10.10 -14.68 7.97
C PHE B 134 10.75 -15.93 7.42
N GLU B 135 11.52 -16.64 8.27
CA GLU B 135 12.13 -17.89 7.85
C GLU B 135 11.08 -18.94 7.51
N ARG B 136 9.92 -18.89 8.18
CA ARG B 136 8.89 -19.89 7.94
C ARG B 136 8.21 -19.66 6.59
N LEU B 137 7.75 -18.42 6.35
CA LEU B 137 7.09 -18.13 5.08
C LEU B 137 8.04 -18.31 3.91
N THR B 138 9.33 -17.99 4.11
CA THR B 138 10.31 -18.23 3.07
C THR B 138 10.42 -19.72 2.73
N GLN B 139 10.36 -20.58 3.76
CA GLN B 139 10.38 -22.02 3.51
C GLN B 139 9.09 -22.49 2.85
N LEU B 140 7.96 -21.86 3.17
CA LEU B 140 6.72 -22.16 2.47
C LEU B 140 6.85 -21.88 0.98
N ILE B 141 7.48 -20.76 0.63
CA ILE B 141 7.70 -20.44 -0.78
C ILE B 141 8.71 -21.41 -1.39
N LYS B 142 9.80 -21.68 -0.67
CA LYS B 142 10.78 -22.63 -1.17
C LYS B 142 10.18 -24.01 -1.37
N GLU B 143 9.27 -24.41 -0.47
CA GLU B 143 8.62 -25.71 -0.60
C GLU B 143 7.71 -25.75 -1.82
N ARG B 144 6.97 -24.67 -2.07
CA ARG B 144 6.10 -24.62 -3.24
C ARG B 144 6.88 -24.42 -4.54
N ILE B 145 8.09 -23.84 -4.46
CA ILE B 145 8.93 -23.72 -5.64
C ILE B 145 9.60 -25.06 -5.95
N ALA B 146 10.27 -25.64 -4.95
CA ALA B 146 10.96 -26.91 -5.16
C ALA B 146 10.00 -28.01 -5.58
N ASP B 147 8.77 -27.99 -5.05
CA ASP B 147 7.79 -28.99 -5.46
C ASP B 147 7.41 -28.81 -6.93
N GLY B 148 7.14 -27.58 -7.35
CA GLY B 148 6.97 -27.31 -8.76
C GLY B 148 5.73 -26.54 -9.15
N LYS B 149 5.05 -25.94 -8.17
CA LYS B 149 3.86 -25.15 -8.49
C LYS B 149 4.21 -23.69 -8.76
N LEU B 150 5.04 -23.08 -7.91
CA LEU B 150 5.46 -21.71 -8.10
C LEU B 150 6.58 -21.63 -9.13
N GLU B 151 6.67 -20.50 -9.81
CA GLU B 151 7.73 -20.29 -10.79
C GLU B 151 9.08 -20.26 -10.09
N ASN B 152 10.08 -20.88 -10.73
CA ASN B 152 11.41 -21.01 -10.12
C ASN B 152 12.17 -19.70 -10.29
N VAL B 153 11.81 -18.73 -9.46
CA VAL B 153 12.50 -17.44 -9.37
C VAL B 153 12.99 -17.33 -7.93
N PRO B 154 13.83 -16.35 -7.59
CA PRO B 154 14.23 -16.19 -6.18
C PRO B 154 13.03 -16.07 -5.28
N PRO B 155 13.01 -16.73 -4.13
CA PRO B 155 11.89 -16.59 -3.19
C PRO B 155 11.64 -15.14 -2.78
N TYR B 156 12.59 -14.25 -3.01
CA TYR B 156 12.38 -12.82 -2.77
C TYR B 156 11.47 -12.20 -3.81
N PHE B 157 11.37 -12.81 -5.00
CA PHE B 157 10.34 -12.40 -5.95
C PHE B 157 8.94 -12.74 -5.46
N HIS B 158 8.82 -13.70 -4.54
CA HIS B 158 7.54 -14.21 -4.11
C HIS B 158 6.99 -13.51 -2.88
N TYR B 159 7.81 -13.30 -1.84
CA TYR B 159 7.31 -12.66 -0.64
C TYR B 159 7.34 -11.14 -0.70
N CYS B 160 8.14 -10.56 -1.59
CA CYS B 160 8.04 -9.12 -1.81
C CYS B 160 6.76 -8.76 -2.54
N ALA B 161 6.41 -9.53 -3.58
CA ALA B 161 5.13 -9.36 -4.23
C ALA B 161 3.98 -9.73 -3.30
N ALA B 162 4.18 -10.72 -2.43
CA ALA B 162 3.15 -11.05 -1.45
C ALA B 162 2.98 -9.91 -0.44
N TRP B 163 4.09 -9.29 -0.03
CA TRP B 163 4.01 -8.15 0.87
C TRP B 163 3.29 -6.98 0.22
N ALA B 164 3.45 -6.81 -1.10
CA ALA B 164 2.82 -5.68 -1.78
C ALA B 164 1.32 -5.86 -1.88
N LEU B 165 0.86 -7.08 -2.19
CA LEU B 165 -0.58 -7.31 -2.31
C LEU B 165 -1.29 -7.14 -0.97
N VAL B 166 -0.63 -7.54 0.12
CA VAL B 166 -1.22 -7.34 1.45
C VAL B 166 -1.26 -5.85 1.80
N HIS B 167 -0.23 -5.10 1.41
CA HIS B 167 -0.17 -3.69 1.77
C HIS B 167 -1.22 -2.89 1.02
N GLY B 168 -1.24 -2.99 -0.31
CA GLY B 168 -2.18 -2.23 -1.11
C GLY B 168 -3.64 -2.60 -0.88
N ALA B 169 -3.89 -3.78 -0.31
CA ALA B 169 -5.27 -4.18 -0.04
C ALA B 169 -5.79 -3.51 1.22
N VAL B 170 -5.00 -3.48 2.29
CA VAL B 170 -5.42 -2.76 3.48
C VAL B 170 -5.48 -1.26 3.19
N ALA B 171 -4.67 -0.77 2.25
CA ALA B 171 -4.80 0.61 1.81
C ALA B 171 -6.02 0.78 0.91
N LEU B 172 -6.40 -0.27 0.18
CA LEU B 172 -7.68 -0.26 -0.52
C LEU B 172 -8.84 -0.33 0.47
N TYR B 173 -8.67 -1.09 1.54
CA TYR B 173 -9.71 -1.25 2.56
C TYR B 173 -9.88 0.00 3.41
N HIS B 174 -9.06 1.03 3.22
CA HIS B 174 -9.19 2.28 3.96
C HIS B 174 -9.49 3.48 3.06
N SER B 175 -9.40 3.32 1.74
CA SER B 175 -9.70 4.41 0.82
C SER B 175 -11.17 4.81 0.94
N PRO B 176 -11.53 6.01 0.46
CA PRO B 176 -12.94 6.42 0.47
C PRO B 176 -13.87 5.48 -0.29
N PHE B 177 -13.30 4.40 -0.84
CA PHE B 177 -14.02 3.36 -1.54
C PHE B 177 -14.62 2.31 -0.60
N TRP B 178 -14.45 2.45 0.71
CA TRP B 178 -14.63 1.34 1.63
C TRP B 178 -16.06 1.13 2.12
N ARG B 179 -17.02 1.96 1.70
CA ARG B 179 -18.41 1.59 1.95
C ARG B 179 -18.80 0.30 1.25
N GLU B 180 -18.08 -0.07 0.20
CA GLU B 180 -18.40 -1.21 -0.64
C GLU B 180 -17.64 -2.47 -0.24
N VAL B 181 -16.31 -2.36 -0.12
CA VAL B 181 -15.48 -3.56 0.00
C VAL B 181 -15.67 -4.28 1.33
N LEU B 182 -16.12 -3.60 2.37
CA LEU B 182 -16.35 -4.26 3.66
C LEU B 182 -17.61 -5.13 3.59
N GLN B 185 -19.09 -8.56 2.43
CA GLN B 185 -18.71 -8.88 1.06
C GLN B 185 -18.33 -10.35 0.91
N GLU B 186 -17.27 -10.76 1.60
CA GLU B 186 -16.81 -12.15 1.66
C GLU B 186 -16.29 -12.66 0.32
N GLY B 187 -16.90 -12.23 -0.78
CA GLY B 187 -16.51 -12.69 -2.10
C GLY B 187 -15.33 -11.95 -2.68
N PHE B 188 -15.32 -10.62 -2.55
CA PHE B 188 -14.15 -9.85 -2.95
C PHE B 188 -12.96 -10.15 -2.05
N PHE B 189 -13.23 -10.42 -0.76
CA PHE B 189 -12.18 -10.91 0.12
C PHE B 189 -11.62 -12.23 -0.41
N HIS B 190 -12.50 -13.20 -0.67
CA HIS B 190 -12.06 -14.48 -1.24
C HIS B 190 -11.50 -14.32 -2.65
N PHE B 191 -11.83 -13.22 -3.34
CA PHE B 191 -11.21 -12.98 -4.64
C PHE B 191 -9.74 -12.60 -4.48
N LEU B 192 -9.44 -11.70 -3.53
CA LEU B 192 -8.05 -11.29 -3.29
C LEU B 192 -7.18 -12.47 -2.90
N MET B 193 -7.72 -13.40 -2.11
CA MET B 193 -6.94 -14.53 -1.62
C MET B 193 -6.82 -15.66 -2.65
N ASP B 194 -7.74 -15.72 -3.61
CA ASP B 194 -7.47 -16.47 -4.83
C ASP B 194 -6.31 -15.85 -5.60
N ILE B 195 -6.32 -14.51 -5.71
CA ILE B 195 -5.21 -13.82 -6.38
C ILE B 195 -3.90 -14.07 -5.65
N GLY B 196 -3.89 -13.96 -4.32
CA GLY B 196 -2.65 -14.10 -3.58
C GLY B 196 -2.05 -15.49 -3.69
N VAL B 197 -2.89 -16.52 -3.61
CA VAL B 197 -2.38 -17.88 -3.68
C VAL B 197 -1.94 -18.22 -5.10
N ARG B 198 -2.63 -17.69 -6.11
CA ARG B 198 -2.30 -17.97 -7.50
C ARG B 198 -1.24 -17.03 -8.07
N MET B 199 -0.88 -15.97 -7.35
CA MET B 199 0.14 -15.06 -7.85
C MET B 199 1.51 -15.69 -7.73
N GLY B 200 2.29 -15.62 -8.80
CA GLY B 200 3.61 -16.21 -8.84
C GLY B 200 3.65 -17.66 -9.23
N ASN B 201 2.51 -18.27 -9.56
CA ASN B 201 2.48 -19.66 -9.97
C ASN B 201 3.21 -19.84 -11.30
N LYS B 202 3.64 -21.07 -11.55
CA LYS B 202 4.40 -21.40 -12.75
C LYS B 202 3.52 -21.40 -13.99
N1A COA C . -7.52 3.15 -10.76
C2A COA C . -7.50 4.29 -10.09
N3A COA C . -8.12 4.42 -8.93
C4A COA C . -8.79 3.42 -8.40
C5A COA C . -8.83 2.20 -9.06
C6A COA C . -8.16 2.10 -10.30
N6A COA C . -8.16 0.84 -11.06
N7A COA C . -9.55 1.38 -8.32
C8A COA C . -9.94 2.04 -7.23
N9A COA C . -9.50 3.24 -7.26
C1B COA C . -9.74 4.26 -6.23
C2B COA C . -9.06 4.00 -5.15
O2B COA C . -9.71 3.00 -4.35
C3B COA C . -9.05 5.47 -4.34
O3B COA C . -10.33 5.68 -3.71
P3B COA C . -11.41 6.76 -4.35
O7A COA C . -11.60 6.48 -5.80
O8A COA C . -10.90 8.15 -4.19
O9A COA C . -12.73 6.62 -3.65
C4B COA C . -8.83 6.34 -5.25
O4B COA C . -9.21 5.64 -6.65
C5B COA C . -7.35 6.73 -5.20
O5B COA C . -6.82 7.10 -6.50
P1A COA C . -6.15 8.69 -6.67
O1A COA C . -6.46 9.24 -8.06
O2A COA C . -6.79 9.58 -5.67
O3A COA C . -4.50 8.73 -6.43
P2A COA C . -3.44 7.47 -6.52
O4A COA C . -4.02 6.36 -7.30
O5A COA C . -2.13 7.96 -7.22
O6A COA C . -3.04 6.97 -5.01
CBP COA C . -4.13 7.39 -2.89
CCP COA C . -4.06 6.50 -4.17
CDP COA C . -3.89 8.83 -3.28
CEP COA C . -3.08 6.96 -1.92
CAP COA C . -5.54 7.27 -2.23
OAP COA C . -6.03 5.97 -2.39
C9P COA C . -5.51 7.76 -0.78
O9P COA C . -5.53 8.92 -0.59
N8P COA C . -5.46 6.90 0.42
C7P COA C . -5.41 5.42 0.43
C6P COA C . -4.61 4.91 1.63
C5P COA C . -3.13 5.13 1.46
#